data_1H9L
#
_entry.id   1H9L
#
_cell.length_a   50.160
_cell.length_b   57.840
_cell.length_c   74.320
_cell.angle_alpha   90.00
_cell.angle_beta   90.00
_cell.angle_gamma   90.00
#
_symmetry.space_group_name_H-M   'P 21 21 21'
#
loop_
_entity.id
_entity.type
_entity.pdbx_description
1 polymer 'PEPTIDE INHIBITOR'
2 polymer ELASTASE
3 non-polymer 'CALCIUM ION'
4 non-polymer 'SULFATE ION'
5 water water
#
loop_
_entity_poly.entity_id
_entity_poly.type
_entity_poly.pdbx_seq_one_letter_code
_entity_poly.pdbx_strand_id
1 'polypeptide(L)' (ACE)VEPI A
2 'polypeptide(L)'
;VVGGTEAQRNSWPSQISLQYRSGSSWAHTCGGTLIRQNWVMTAAHCVDRELTFRVVVGEHNLNQNNGTEQYVGVQKIVVH
PYWNTDDVAAGYDIALLRLAQSVTLNSYVQLGVLPRAGTILANNSPCYITGWGLTRTNGQLAQTLQQAYLPTVDYAICSS
SSYWGSTVKNSMVCAGGDGVRSGCQGDSGGPLHCLVNGQYAVHGVTSFVSRLGCNVTRKPTVFTRVSAYISWINNVIASN
;
B
#
# COMPACT_ATOMS: atom_id res chain seq x y z
N VAL A 2 10.48 13.88 -2.82
CA VAL A 2 9.66 12.64 -2.75
C VAL A 2 10.39 11.48 -2.05
N GLU A 3 9.77 10.90 -1.03
CA GLU A 3 10.37 9.77 -0.30
C GLU A 3 9.68 8.36 -0.33
N PRO A 4 10.20 7.41 -1.14
CA PRO A 4 9.60 6.05 -1.20
C PRO A 4 9.43 5.43 0.17
N ILE A 5 8.19 5.14 0.54
CA ILE A 5 7.99 4.54 1.83
C ILE A 5 7.29 3.23 1.79
N VAL B 1 2.90 3.49 9.88
CA VAL B 1 1.80 4.50 10.01
C VAL B 1 2.07 5.32 11.26
N VAL B 2 2.15 6.63 11.06
CA VAL B 2 2.35 7.56 12.17
C VAL B 2 0.96 7.97 12.64
N GLY B 3 0.75 8.06 13.96
CA GLY B 3 -0.53 8.48 14.52
C GLY B 3 -1.69 7.57 14.21
N GLY B 4 -1.34 6.29 14.09
CA GLY B 4 -2.36 5.27 13.88
C GLY B 4 -2.91 4.73 15.18
N THR B 5 -3.88 3.83 15.05
CA THR B 5 -4.36 3.02 16.14
C THR B 5 -4.20 1.55 15.72
N GLU B 6 -4.21 0.63 16.66
CA GLU B 6 -4.10 -0.75 16.31
C GLU B 6 -5.39 -1.24 15.63
N ALA B 7 -5.24 -1.83 14.46
CA ALA B 7 -6.40 -2.34 13.77
C ALA B 7 -6.93 -3.59 14.48
N GLN B 8 -8.25 -3.76 14.44
CA GLN B 8 -8.79 -5.05 14.86
C GLN B 8 -8.30 -6.13 13.89
N ARG B 9 -8.10 -7.34 14.39
CA ARG B 9 -7.61 -8.50 13.66
C ARG B 9 -8.28 -8.84 12.32
N ASN B 10 -9.58 -8.58 12.24
CA ASN B 10 -10.34 -8.93 11.04
C ASN B 10 -10.87 -7.75 10.24
N SER B 11 -10.32 -6.56 10.47
CA SER B 11 -10.83 -5.39 9.76
C SER B 11 -10.39 -5.28 8.32
N TRP B 12 -9.12 -5.66 8.09
CA TRP B 12 -8.53 -5.43 6.77
C TRP B 12 -7.89 -6.73 6.22
N PRO B 13 -8.70 -7.71 5.94
CA PRO B 13 -8.18 -9.03 5.59
C PRO B 13 -7.48 -9.12 4.25
N SER B 14 -7.50 -8.06 3.44
CA SER B 14 -6.70 -8.11 2.20
C SER B 14 -5.31 -7.58 2.41
N GLN B 15 -5.02 -7.00 3.57
CA GLN B 15 -3.63 -6.50 3.82
C GLN B 15 -2.65 -7.68 3.92
N ILE B 16 -1.53 -7.58 3.22
CA ILE B 16 -0.47 -8.53 3.36
C ILE B 16 0.82 -7.85 3.80
N SER B 17 1.74 -8.67 4.29
CA SER B 17 3.11 -8.21 4.59
C SER B 17 4.01 -8.82 3.54
N LEU B 18 4.81 -7.98 2.86
CA LEU B 18 5.78 -8.45 1.86
C LEU B 18 7.10 -8.43 2.54
N GLN B 19 7.76 -9.60 2.57
CA GLN B 19 8.96 -9.70 3.41
C GLN B 19 10.09 -10.23 2.53
N TYR B 20 11.32 -9.90 2.93
CA TYR B 20 12.48 -10.43 2.19
C TYR B 20 13.33 -11.27 3.13
N ARG B 21 14.07 -12.18 2.51
CA ARG B 21 14.90 -13.09 3.29
C ARG B 21 16.16 -12.31 3.66
N SER B 22 16.53 -12.40 4.93
CA SER B 22 17.66 -11.69 5.47
C SER B 22 18.31 -12.65 6.49
N GLY B 23 19.44 -13.25 6.07
CA GLY B 23 20.12 -14.24 6.88
C GLY B 23 19.26 -15.46 7.13
N SER B 24 19.05 -15.76 8.40
CA SER B 24 18.26 -16.91 8.80
C SER B 24 16.81 -16.51 9.07
N SER B 25 16.51 -15.25 8.78
CA SER B 25 15.18 -14.74 9.05
C SER B 25 14.53 -14.01 7.86
N TRP B 26 13.35 -13.46 8.13
CA TRP B 26 12.57 -12.71 7.13
C TRP B 26 12.31 -11.35 7.71
N ALA B 27 12.33 -10.32 6.87
CA ALA B 27 12.11 -8.97 7.37
C ALA B 27 10.97 -8.37 6.59
N HIS B 28 10.04 -7.73 7.31
CA HIS B 28 8.99 -7.00 6.60
C HIS B 28 9.60 -5.82 5.91
N THR B 29 9.17 -5.60 4.63
CA THR B 29 9.63 -4.45 3.89
C THR B 29 8.51 -3.53 3.36
N CYS B 30 7.35 -4.10 3.08
CA CYS B 30 6.26 -3.37 2.43
C CYS B 30 4.93 -4.03 2.66
N GLY B 31 3.85 -3.30 2.39
CA GLY B 31 2.59 -3.98 2.44
C GLY B 31 2.18 -4.32 1.01
N GLY B 32 1.00 -4.87 0.91
CA GLY B 32 0.38 -5.16 -0.38
C GLY B 32 -1.06 -5.51 -0.12
N THR B 33 -1.78 -5.74 -1.23
CA THR B 33 -3.21 -6.09 -1.17
C THR B 33 -3.39 -7.37 -1.91
N LEU B 34 -4.02 -8.36 -1.24
CA LEU B 34 -4.30 -9.62 -1.92
C LEU B 34 -5.46 -9.28 -2.87
N ILE B 35 -5.31 -9.53 -4.18
CA ILE B 35 -6.39 -9.24 -5.15
C ILE B 35 -6.91 -10.48 -5.85
N ARG B 36 -6.13 -11.58 -5.83
CA ARG B 36 -6.65 -12.90 -6.24
C ARG B 36 -6.03 -13.87 -5.24
N GLN B 37 -6.52 -15.12 -5.21
CA GLN B 37 -5.97 -16.05 -4.26
C GLN B 37 -4.48 -16.26 -4.52
N ASN B 38 -4.02 -15.96 -5.73
CA ASN B 38 -2.58 -16.09 -6.03
C ASN B 38 -1.96 -14.84 -6.61
N TRP B 39 -2.58 -13.68 -6.37
CA TRP B 39 -1.96 -12.42 -6.83
C TRP B 39 -2.06 -11.34 -5.76
N VAL B 40 -0.94 -10.66 -5.62
CA VAL B 40 -0.83 -9.50 -4.72
C VAL B 40 -0.45 -8.25 -5.48
N MET B 41 -1.16 -7.16 -5.14
CA MET B 41 -0.86 -5.85 -5.70
C MET B 41 0.01 -5.11 -4.70
N THR B 42 1.14 -4.59 -5.15
CA THR B 42 2.01 -3.81 -4.28
C THR B 42 2.65 -2.65 -5.07
N ALA B 43 3.63 -1.98 -4.47
CA ALA B 43 4.28 -0.85 -5.17
C ALA B 43 5.49 -1.43 -5.96
N ALA B 44 5.72 -0.89 -7.15
CA ALA B 44 6.90 -1.25 -7.91
C ALA B 44 8.16 -1.01 -7.11
N HIS B 45 8.25 0.09 -6.37
CA HIS B 45 9.52 0.35 -5.67
C HIS B 45 9.83 -0.64 -4.58
N CYS B 46 8.82 -1.42 -4.16
CA CYS B 46 9.06 -2.40 -3.11
C CYS B 46 9.84 -3.57 -3.66
N VAL B 47 9.79 -3.73 -4.96
CA VAL B 47 10.42 -4.95 -5.54
C VAL B 47 11.55 -4.59 -6.50
N ASP B 48 12.13 -3.38 -6.31
CA ASP B 48 13.27 -2.97 -7.11
C ASP B 48 14.50 -3.83 -6.79
N ARG B 49 14.70 -4.14 -5.51
CA ARG B 49 15.88 -4.93 -5.13
C ARG B 49 15.78 -6.40 -5.56
N GLU B 50 16.94 -6.98 -5.86
CA GLU B 50 17.03 -8.36 -6.31
C GLU B 50 16.98 -9.28 -5.10
N LEU B 51 15.89 -9.23 -4.36
CA LEU B 51 15.79 -10.04 -3.14
C LEU B 51 14.89 -11.25 -3.28
N THR B 52 14.93 -12.15 -2.29
CA THR B 52 13.94 -13.21 -2.22
C THR B 52 12.77 -12.69 -1.42
N PHE B 53 11.59 -12.78 -1.99
CA PHE B 53 10.43 -12.22 -1.27
C PHE B 53 9.45 -13.31 -0.93
N ARG B 54 8.70 -13.08 0.16
CA ARG B 54 7.56 -13.93 0.47
C ARG B 54 6.43 -13.02 0.89
N VAL B 55 5.23 -13.55 0.78
CA VAL B 55 4.03 -12.84 1.20
C VAL B 55 3.48 -13.52 2.42
N VAL B 56 3.02 -12.75 3.42
CA VAL B 56 2.32 -13.34 4.55
C VAL B 56 0.92 -12.77 4.56
N VAL B 57 -0.08 -13.66 4.51
CA VAL B 57 -1.48 -13.23 4.62
C VAL B 57 -1.98 -13.67 5.99
N GLY B 58 -3.04 -13.02 6.47
CA GLY B 58 -3.58 -13.40 7.77
C GLY B 58 -2.62 -13.01 8.85
N GLU B 59 -1.84 -11.97 8.57
CA GLU B 59 -0.91 -11.45 9.58
C GLU B 59 -1.44 -10.31 10.39
N HIS B 60 -1.11 -10.27 11.69
CA HIS B 60 -1.55 -9.17 12.54
C HIS B 60 -0.35 -8.61 13.32
N ASN B 61 0.39 -9.50 13.99
CA ASN B 61 1.55 -9.07 14.75
C ASN B 61 2.81 -9.68 14.15
N LEU B 62 3.72 -8.86 13.65
CA LEU B 62 4.93 -9.40 13.01
C LEU B 62 5.87 -10.12 13.96
N ASN B 63 5.70 -9.88 15.24
CA ASN B 63 6.63 -10.42 16.20
C ASN B 63 6.05 -11.57 17.02
N GLN B 64 4.79 -11.97 16.73
CA GLN B 64 4.15 -13.06 17.52
C GLN B 64 3.28 -13.99 16.64
N ASN B 65 3.17 -15.26 17.04
CA ASN B 65 2.29 -16.19 16.35
C ASN B 65 0.84 -15.77 16.58
N ASN B 66 0.13 -15.49 15.50
CA ASN B 66 -1.27 -15.10 15.60
C ASN B 66 -2.24 -16.26 15.42
N GLY B 67 -1.73 -17.37 14.93
CA GLY B 67 -2.51 -18.57 14.65
C GLY B 67 -3.35 -18.46 13.41
N THR B 68 -3.07 -17.47 12.56
CA THR B 68 -3.85 -17.23 11.39
C THR B 68 -3.03 -17.04 10.11
N GLU B 69 -1.71 -16.94 10.24
CA GLU B 69 -0.86 -16.62 9.10
C GLU B 69 -0.75 -17.74 8.06
N GLN B 70 -0.62 -17.34 6.78
CA GLN B 70 -0.23 -18.29 5.73
C GLN B 70 0.97 -17.64 5.06
N TYR B 71 1.99 -18.45 4.75
CA TYR B 71 3.24 -17.92 4.21
C TYR B 71 3.39 -18.48 2.81
N VAL B 72 3.66 -17.62 1.84
CA VAL B 72 3.77 -18.12 0.47
C VAL B 72 4.83 -17.38 -0.34
N GLY B 73 5.64 -18.14 -1.12
CA GLY B 73 6.67 -17.50 -1.89
C GLY B 73 6.11 -16.70 -3.08
N VAL B 74 6.91 -15.76 -3.59
CA VAL B 74 6.59 -14.98 -4.79
C VAL B 74 7.20 -15.68 -5.99
N GLN B 75 6.35 -16.12 -6.90
CA GLN B 75 6.76 -16.86 -8.08
C GLN B 75 7.10 -15.98 -9.26
N LYS B 76 6.43 -14.85 -9.43
CA LYS B 76 6.70 -14.00 -10.55
C LYS B 76 6.40 -12.54 -10.16
N ILE B 77 7.21 -11.60 -10.63
CA ILE B 77 7.00 -10.22 -10.31
C ILE B 77 6.78 -9.50 -11.62
N VAL B 78 5.65 -8.80 -11.73
CA VAL B 78 5.37 -7.98 -12.92
C VAL B 78 5.25 -6.51 -12.54
N VAL B 79 6.30 -5.75 -12.84
CA VAL B 79 6.23 -4.32 -12.53
C VAL B 79 5.60 -3.60 -13.69
N HIS B 80 4.94 -2.47 -13.43
CA HIS B 80 4.43 -1.72 -14.54
C HIS B 80 5.58 -1.34 -15.46
N PRO B 81 5.41 -1.60 -16.74
CA PRO B 81 6.50 -1.36 -17.69
C PRO B 81 6.94 0.07 -17.80
N TYR B 82 6.17 1.02 -17.33
CA TYR B 82 6.62 2.43 -17.41
C TYR B 82 7.31 2.90 -16.11
N TRP B 83 7.36 2.04 -15.10
CA TRP B 83 8.00 2.39 -13.82
C TRP B 83 9.48 2.68 -14.03
N ASN B 84 9.97 3.68 -13.32
CA ASN B 84 11.36 4.08 -13.40
C ASN B 84 11.78 4.34 -11.96
N THR B 85 12.64 3.50 -11.43
CA THR B 85 13.11 3.66 -10.05
C THR B 85 13.73 5.03 -9.71
N ASP B 86 14.28 5.72 -10.70
CA ASP B 86 14.96 7.03 -10.57
C ASP B 86 13.93 8.17 -10.51
N ASP B 87 12.65 7.85 -10.69
CA ASP B 87 11.63 8.88 -10.78
C ASP B 87 10.29 8.45 -10.16
N VAL B 88 10.21 8.36 -8.84
CA VAL B 88 8.94 7.89 -8.22
C VAL B 88 7.80 8.86 -8.57
N ALA B 89 8.15 10.13 -8.75
CA ALA B 89 7.16 11.16 -9.04
C ALA B 89 6.50 11.07 -10.37
N ALA B 90 7.07 10.29 -11.29
CA ALA B 90 6.46 10.07 -12.61
C ALA B 90 5.26 9.15 -12.52
N GLY B 91 5.22 8.38 -11.41
CA GLY B 91 4.11 7.46 -11.22
C GLY B 91 4.44 6.04 -11.62
N TYR B 92 3.39 5.29 -11.91
CA TYR B 92 3.52 3.90 -12.33
C TYR B 92 4.10 3.05 -11.21
N ASP B 93 3.91 3.49 -9.95
CA ASP B 93 4.50 2.75 -8.84
C ASP B 93 3.56 1.61 -8.44
N ILE B 94 3.56 0.56 -9.26
CA ILE B 94 2.63 -0.53 -9.00
C ILE B 94 3.24 -1.80 -9.58
N ALA B 95 3.00 -2.92 -8.92
CA ALA B 95 3.51 -4.20 -9.40
C ALA B 95 2.58 -5.29 -8.89
N LEU B 96 2.56 -6.38 -9.67
CA LEU B 96 1.74 -7.52 -9.27
C LEU B 96 2.65 -8.68 -8.98
N LEU B 97 2.35 -9.39 -7.91
CA LEU B 97 3.13 -10.57 -7.56
C LEU B 97 2.29 -11.82 -7.70
N ARG B 98 2.72 -12.80 -8.49
CA ARG B 98 2.00 -14.06 -8.60
C ARG B 98 2.56 -14.99 -7.51
N LEU B 99 1.72 -15.49 -6.63
CA LEU B 99 2.15 -16.29 -5.50
C LEU B 99 2.41 -17.71 -5.96
N ALA B 100 3.32 -18.39 -5.28
CA ALA B 100 3.67 -19.75 -5.71
C ALA B 100 2.48 -20.77 -5.48
N GLN B 101 1.65 -20.48 -4.50
CA GLN B 101 0.46 -21.25 -4.20
C GLN B 101 -0.69 -20.30 -3.99
N SER B 102 -1.91 -20.78 -4.18
CA SER B 102 -3.08 -19.98 -3.88
C SER B 102 -3.36 -20.10 -2.41
N VAL B 103 -3.62 -18.97 -1.77
CA VAL B 103 -3.90 -18.97 -0.35
C VAL B 103 -5.38 -19.27 -0.09
N THR B 104 -5.66 -19.67 1.14
CA THR B 104 -6.99 -20.01 1.52
C THR B 104 -7.72 -18.84 2.14
N LEU B 105 -8.89 -18.52 1.63
CA LEU B 105 -9.63 -17.41 2.17
C LEU B 105 -10.41 -17.77 3.43
N ASN B 106 -10.49 -16.80 4.35
CA ASN B 106 -11.24 -16.90 5.60
C ASN B 106 -11.46 -15.53 6.21
N SER B 107 -11.87 -15.40 7.47
CA SER B 107 -12.14 -14.05 7.95
C SER B 107 -10.91 -13.15 8.08
N TYR B 108 -9.71 -13.76 8.04
CA TYR B 108 -8.46 -13.04 8.12
C TYR B 108 -7.76 -12.84 6.76
N VAL B 109 -8.29 -13.48 5.72
CA VAL B 109 -7.65 -13.54 4.42
C VAL B 109 -8.75 -13.38 3.39
N GLN B 110 -8.84 -12.21 2.75
CA GLN B 110 -9.90 -11.98 1.76
C GLN B 110 -9.33 -11.19 0.64
N LEU B 111 -9.99 -11.20 -0.51
CA LEU B 111 -9.50 -10.35 -1.60
C LEU B 111 -9.91 -8.91 -1.40
N GLY B 112 -9.02 -8.00 -1.77
CA GLY B 112 -9.37 -6.58 -1.75
C GLY B 112 -10.30 -6.19 -2.88
N VAL B 113 -11.31 -5.35 -2.57
CA VAL B 113 -12.22 -4.88 -3.60
C VAL B 113 -11.58 -3.67 -4.27
N LEU B 114 -11.50 -3.68 -5.60
CA LEU B 114 -10.88 -2.58 -6.34
C LEU B 114 -12.00 -1.75 -6.90
N PRO B 115 -11.79 -0.44 -7.03
CA PRO B 115 -12.77 0.44 -7.63
C PRO B 115 -12.90 0.23 -9.10
N ARG B 116 -14.02 0.68 -9.68
CA ARG B 116 -14.08 0.62 -11.12
C ARG B 116 -13.11 1.61 -11.74
N ALA B 117 -12.65 1.28 -12.94
CA ALA B 117 -11.72 2.11 -13.70
C ALA B 117 -12.17 3.55 -13.80
N GLY B 118 -11.25 4.44 -13.56
CA GLY B 118 -11.47 5.87 -13.73
C GLY B 118 -12.09 6.55 -12.48
N THR B 119 -12.47 5.78 -11.49
CA THR B 119 -13.12 6.40 -10.33
C THR B 119 -12.22 7.40 -9.62
N ILE B 120 -12.76 8.60 -9.35
CA ILE B 120 -12.01 9.57 -8.58
C ILE B 120 -12.82 9.88 -7.37
N LEU B 121 -12.17 9.95 -6.22
CA LEU B 121 -12.90 10.33 -5.02
C LEU B 121 -13.01 11.85 -4.81
N ALA B 122 -14.16 12.26 -4.28
CA ALA B 122 -14.35 13.66 -3.97
C ALA B 122 -13.31 14.05 -2.91
N ASN B 123 -12.94 15.34 -2.89
CA ASN B 123 -12.05 15.86 -1.85
C ASN B 123 -12.54 15.50 -0.48
N ASN B 124 -11.62 15.22 0.43
CA ASN B 124 -11.97 14.87 1.81
C ASN B 124 -12.78 13.59 1.98
N SER B 125 -12.59 12.61 1.09
CA SER B 125 -13.31 11.37 1.22
C SER B 125 -12.71 10.52 2.31
N PRO B 126 -13.54 9.80 3.08
CA PRO B 126 -13.04 9.01 4.21
C PRO B 126 -12.27 7.75 3.78
N CYS B 127 -11.01 7.69 4.23
CA CYS B 127 -10.14 6.53 3.93
C CYS B 127 -9.27 6.21 5.14
N TYR B 128 -8.79 4.97 5.19
CA TYR B 128 -7.83 4.54 6.20
C TYR B 128 -6.61 3.99 5.45
N ILE B 129 -5.44 4.38 5.93
CA ILE B 129 -4.25 3.68 5.47
C ILE B 129 -4.01 2.57 6.49
N THR B 130 -3.44 1.43 6.08
CA THR B 130 -3.07 0.43 7.05
C THR B 130 -1.67 -0.08 6.77
N GLY B 131 -1.00 -0.53 7.82
CA GLY B 131 0.29 -1.12 7.58
C GLY B 131 1.14 -1.30 8.81
N TRP B 132 2.31 -1.89 8.61
CA TRP B 132 3.24 -2.04 9.71
C TRP B 132 4.43 -1.09 9.63
N GLY B 133 4.31 -0.05 8.82
CA GLY B 133 5.43 0.89 8.65
C GLY B 133 5.82 1.61 9.94
N LEU B 134 6.86 2.43 9.83
CA LEU B 134 7.33 3.18 11.02
C LEU B 134 6.21 3.96 11.68
N THR B 135 6.28 4.00 13.02
CA THR B 135 5.26 4.73 13.78
C THR B 135 5.68 6.15 14.08
N ARG B 136 6.93 6.47 13.74
CA ARG B 136 7.41 7.84 13.75
C ARG B 136 8.39 8.00 12.59
N THR B 137 8.53 9.26 12.15
CA THR B 137 9.60 9.55 11.19
C THR B 137 10.92 9.07 11.76
N ASN B 138 11.69 8.30 10.97
CA ASN B 138 12.98 7.79 11.45
C ASN B 138 12.79 6.92 12.69
N GLY B 139 11.60 6.29 12.81
CA GLY B 139 11.30 5.42 13.95
C GLY B 139 11.48 3.95 13.62
N GLN B 140 10.59 3.14 14.17
CA GLN B 140 10.65 1.70 13.95
C GLN B 140 9.29 1.17 13.48
N LEU B 141 9.36 0.04 12.80
CA LEU B 141 8.11 -0.60 12.36
C LEU B 141 7.24 -0.91 13.53
N ALA B 142 5.94 -0.97 13.23
CA ALA B 142 4.97 -1.38 14.24
C ALA B 142 5.08 -2.91 14.40
N GLN B 143 4.70 -3.42 15.57
CA GLN B 143 4.53 -4.86 15.71
C GLN B 143 3.16 -5.26 15.20
N THR B 144 2.14 -4.54 15.63
CA THR B 144 0.80 -4.91 15.22
C THR B 144 0.30 -4.00 14.11
N LEU B 145 -0.56 -4.53 13.26
CA LEU B 145 -1.06 -3.74 12.13
C LEU B 145 -1.71 -2.45 12.60
N GLN B 146 -1.41 -1.33 11.96
CA GLN B 146 -1.97 -0.06 12.41
C GLN B 146 -2.85 0.49 11.29
N GLN B 147 -3.79 1.34 11.68
CA GLN B 147 -4.62 2.06 10.74
C GLN B 147 -4.65 3.53 11.11
N ALA B 148 -4.74 4.41 10.11
CA ALA B 148 -4.96 5.82 10.42
C ALA B 148 -5.95 6.36 9.45
N TYR B 149 -6.81 7.26 9.95
CA TYR B 149 -7.83 7.89 9.14
C TYR B 149 -7.15 9.04 8.38
N LEU B 150 -7.17 8.93 7.06
CA LEU B 150 -6.51 9.90 6.17
C LEU B 150 -7.49 10.23 5.06
N PRO B 151 -8.19 11.33 5.21
CA PRO B 151 -9.16 11.75 4.15
C PRO B 151 -8.39 12.18 2.95
N THR B 152 -8.97 12.00 1.77
CA THR B 152 -8.27 12.40 0.57
C THR B 152 -8.16 13.90 0.42
N VAL B 153 -7.15 14.25 -0.34
CA VAL B 153 -6.88 15.62 -0.79
C VAL B 153 -6.90 15.52 -2.30
N ASP B 154 -7.88 16.16 -2.92
CA ASP B 154 -8.02 16.04 -4.37
C ASP B 154 -6.85 16.56 -5.19
N TYR B 155 -6.79 16.13 -6.44
CA TYR B 155 -5.71 16.51 -7.28
C TYR B 155 -5.44 18.02 -7.34
N ALA B 156 -6.49 18.82 -7.50
CA ALA B 156 -6.27 20.27 -7.57
C ALA B 156 -5.54 20.85 -6.37
N ILE B 157 -5.97 20.43 -5.18
CA ILE B 157 -5.35 20.90 -3.96
C ILE B 157 -4.00 20.25 -3.83
N CYS B 158 -3.94 18.96 -4.10
CA CYS B 158 -2.67 18.24 -3.81
C CYS B 158 -1.50 18.70 -4.68
N SER B 159 -1.83 19.10 -5.89
CA SER B 159 -0.84 19.53 -6.85
C SER B 159 -0.65 21.03 -6.81
N SER B 160 -1.28 21.67 -5.84
CA SER B 160 -1.09 23.13 -5.67
C SER B 160 0.29 23.36 -5.05
N SER B 161 0.76 24.61 -5.07
CA SER B 161 2.12 24.93 -4.68
C SER B 161 2.51 24.66 -3.22
N SER B 162 1.57 24.90 -2.32
CA SER B 162 1.70 24.65 -0.88
C SER B 162 1.81 23.14 -0.56
N TYR B 163 1.20 22.31 -1.41
CA TYR B 163 1.22 20.86 -1.17
C TYR B 163 2.35 20.24 -1.93
N TRP B 164 2.05 19.35 -2.88
CA TRP B 164 3.06 18.66 -3.63
C TRP B 164 3.46 19.25 -4.94
N GLY B 165 2.78 20.31 -5.36
CA GLY B 165 3.08 20.86 -6.66
C GLY B 165 3.02 19.83 -7.77
N SER B 166 3.86 19.94 -8.78
CA SER B 166 3.78 19.04 -9.92
C SER B 166 4.40 17.66 -9.64
N THR B 167 4.86 17.44 -8.41
CA THR B 167 5.36 16.14 -8.01
C THR B 167 4.19 15.14 -8.04
N VAL B 168 3.02 15.62 -7.69
CA VAL B 168 1.84 14.72 -7.73
C VAL B 168 1.19 14.74 -9.11
N LYS B 169 0.79 13.57 -9.59
CA LYS B 169 0.14 13.40 -10.86
C LYS B 169 -1.29 12.94 -10.68
N ASN B 170 -2.09 13.08 -11.73
CA ASN B 170 -3.49 12.66 -11.61
C ASN B 170 -3.61 11.15 -11.54
N SER B 171 -2.54 10.40 -11.77
CA SER B 171 -2.52 8.96 -11.59
C SER B 171 -2.27 8.59 -10.14
N MET B 172 -2.29 9.56 -9.23
CA MET B 172 -2.07 9.31 -7.83
C MET B 172 -3.27 9.83 -7.03
N VAL B 173 -3.36 9.31 -5.81
CA VAL B 173 -4.30 9.75 -4.79
C VAL B 173 -3.49 10.27 -3.63
N CYS B 174 -3.84 11.46 -3.13
CA CYS B 174 -3.21 12.01 -1.94
C CYS B 174 -4.18 11.85 -0.77
N ALA B 175 -3.65 11.55 0.42
CA ALA B 175 -4.55 11.50 1.53
C ALA B 175 -3.80 11.91 2.79
N GLY B 176 -4.50 12.60 3.67
CA GLY B 176 -3.93 13.03 4.95
C GLY B 176 -3.35 14.46 4.84
N GLY B 177 -2.07 14.59 5.24
CA GLY B 177 -1.39 15.89 5.26
C GLY B 177 -1.67 16.70 6.51
N ASP B 178 -2.23 16.13 7.56
CA ASP B 178 -2.57 16.93 8.75
C ASP B 178 -1.41 17.25 9.71
N GLY B 179 -0.27 16.63 9.40
CA GLY B 179 0.91 16.79 10.25
C GLY B 179 1.01 15.80 11.44
N VAL B 180 0.01 14.97 11.65
CA VAL B 180 -0.03 14.04 12.78
C VAL B 180 -0.06 12.62 12.30
N ARG B 181 -0.89 12.37 11.29
CA ARG B 181 -1.13 11.02 10.77
C ARG B 181 -0.59 10.85 9.37
N SER B 182 -0.02 9.67 9.06
CA SER B 182 0.52 9.46 7.72
C SER B 182 1.05 8.13 7.54
N GLY B 183 1.37 7.77 6.30
CA GLY B 183 2.07 6.51 6.07
C GLY B 183 3.52 6.78 6.43
N CYS B 184 4.34 5.73 6.50
CA CYS B 184 5.77 5.95 6.82
C CYS B 184 6.51 4.74 6.30
N GLN B 185 7.84 4.76 6.28
CA GLN B 185 8.55 3.64 5.66
C GLN B 185 8.12 2.26 6.14
N GLY B 186 7.85 1.36 5.17
CA GLY B 186 7.37 0.08 5.58
C GLY B 186 5.86 -0.06 5.26
N ASP B 187 5.21 1.05 4.99
CA ASP B 187 3.77 1.01 4.61
C ASP B 187 3.64 0.95 3.11
N SER B 188 4.68 1.38 2.39
CA SER B 188 4.71 1.29 0.93
C SER B 188 4.13 0.01 0.37
N GLY B 189 3.36 0.16 -0.69
CA GLY B 189 2.80 -1.00 -1.38
C GLY B 189 1.47 -1.42 -0.81
N GLY B 190 1.23 -1.03 0.45
CA GLY B 190 -0.05 -1.40 1.06
C GLY B 190 -1.24 -0.57 0.57
N PRO B 191 -2.43 -0.90 1.10
CA PRO B 191 -3.67 -0.23 0.70
C PRO B 191 -3.99 1.08 1.36
N LEU B 192 -4.75 1.86 0.60
CA LEU B 192 -5.57 2.97 1.13
C LEU B 192 -6.99 2.48 0.90
N HIS B 193 -7.70 2.25 2.01
CA HIS B 193 -9.08 1.72 1.93
C HIS B 193 -10.07 2.87 2.06
N CYS B 194 -10.98 3.04 1.09
CA CYS B 194 -11.86 4.17 1.14
C CYS B 194 -13.29 3.69 1.10
N LEU B 195 -14.12 4.27 1.98
CA LEU B 195 -15.53 3.87 2.08
C LEU B 195 -16.34 4.58 1.01
N VAL B 196 -16.91 3.80 0.08
CA VAL B 196 -17.72 4.33 -1.00
C VAL B 196 -18.97 3.49 -1.17
N ASN B 197 -20.13 4.14 -1.16
CA ASN B 197 -21.37 3.37 -1.27
C ASN B 197 -21.45 2.20 -0.27
N GLY B 198 -20.97 2.44 0.95
CA GLY B 198 -21.11 1.54 2.04
C GLY B 198 -20.08 0.44 2.12
N GLN B 199 -19.21 0.40 1.12
CA GLN B 199 -18.24 -0.68 1.05
C GLN B 199 -16.80 -0.08 0.93
N TYR B 200 -15.87 -0.65 1.68
CA TYR B 200 -14.48 -0.18 1.57
C TYR B 200 -13.90 -0.78 0.28
N ALA B 201 -13.16 0.04 -0.50
CA ALA B 201 -12.42 -0.46 -1.63
C ALA B 201 -11.00 0.08 -1.53
N VAL B 202 -10.10 -0.62 -2.20
CA VAL B 202 -8.70 -0.22 -2.14
C VAL B 202 -8.43 0.73 -3.30
N HIS B 203 -8.39 2.03 -2.95
CA HIS B 203 -8.21 3.08 -3.94
C HIS B 203 -6.76 3.44 -4.15
N GLY B 204 -5.91 3.08 -3.20
CA GLY B 204 -4.50 3.49 -3.36
C GLY B 204 -3.52 2.41 -3.01
N VAL B 205 -2.32 2.50 -3.58
CA VAL B 205 -1.18 1.65 -3.24
C VAL B 205 -0.12 2.68 -2.73
N THR B 206 0.21 2.55 -1.45
CA THR B 206 1.10 3.55 -0.82
C THR B 206 2.39 3.66 -1.57
N SER B 207 2.72 4.90 -1.92
CA SER B 207 3.91 5.11 -2.77
C SER B 207 5.04 5.95 -2.14
N PHE B 208 4.67 7.15 -1.68
CA PHE B 208 5.68 8.04 -1.09
C PHE B 208 5.21 9.06 -0.10
N VAL B 209 6.18 9.61 0.62
CA VAL B 209 5.98 10.71 1.55
C VAL B 209 7.13 11.67 1.28
N SER B 210 7.07 12.79 1.97
CA SER B 210 8.05 13.88 1.88
C SER B 210 9.42 13.36 2.31
N ARG B 211 10.48 13.84 1.66
CA ARG B 211 11.83 13.53 2.16
C ARG B 211 12.05 14.20 3.49
N LEU B 212 11.25 15.22 3.77
CA LEU B 212 11.33 15.93 5.04
C LEU B 212 10.83 15.10 6.24
N GLY B 213 9.89 14.19 6.01
CA GLY B 213 9.38 13.41 7.12
C GLY B 213 8.06 12.73 6.68
N CYS B 214 7.56 11.81 7.50
CA CYS B 214 6.33 11.12 7.17
C CYS B 214 5.12 12.02 7.37
N ASN B 215 4.91 12.47 8.60
CA ASN B 215 3.79 13.33 8.96
C ASN B 215 4.16 14.77 8.87
N VAL B 216 4.02 15.33 7.69
CA VAL B 216 4.36 16.72 7.42
C VAL B 216 3.11 17.44 6.92
N THR B 217 2.78 18.55 7.56
CA THR B 217 1.59 19.31 7.16
C THR B 217 1.71 19.73 5.72
N ARG B 218 0.63 19.48 4.98
CA ARG B 218 0.56 19.77 3.53
C ARG B 218 1.44 18.92 2.67
N LYS B 219 1.91 17.81 3.25
CA LYS B 219 2.56 16.77 2.42
C LYS B 219 1.83 15.48 2.69
N PRO B 220 0.61 15.37 2.19
CA PRO B 220 -0.18 14.14 2.41
C PRO B 220 0.58 12.95 1.85
N THR B 221 0.27 11.78 2.42
CA THR B 221 0.81 10.59 1.85
C THR B 221 0.28 10.41 0.42
N VAL B 222 1.15 9.93 -0.44
CA VAL B 222 0.80 9.77 -1.85
C VAL B 222 0.76 8.30 -2.20
N PHE B 223 -0.29 7.94 -2.95
CA PHE B 223 -0.57 6.60 -3.36
C PHE B 223 -0.78 6.49 -4.82
N THR B 224 -0.37 5.37 -5.39
CA THR B 224 -0.75 5.11 -6.78
C THR B 224 -2.26 4.97 -6.86
N ARG B 225 -2.88 5.61 -7.85
CA ARG B 225 -4.34 5.53 -7.93
C ARG B 225 -4.77 4.23 -8.58
N VAL B 226 -5.31 3.29 -7.81
CA VAL B 226 -5.64 1.99 -8.31
C VAL B 226 -6.54 2.04 -9.54
N SER B 227 -7.53 2.92 -9.49
CA SER B 227 -8.51 2.97 -10.57
C SER B 227 -7.92 3.45 -11.90
N ALA B 228 -6.67 3.92 -11.88
CA ALA B 228 -5.99 4.29 -13.12
C ALA B 228 -5.36 3.10 -13.81
N TYR B 229 -5.30 1.95 -13.12
CA TYR B 229 -4.59 0.78 -13.56
C TYR B 229 -5.45 -0.47 -13.72
N ILE B 230 -6.79 -0.34 -13.64
CA ILE B 230 -7.58 -1.53 -13.70
C ILE B 230 -7.36 -2.37 -14.93
N SER B 231 -7.26 -1.74 -16.11
CA SER B 231 -7.01 -2.54 -17.30
C SER B 231 -5.70 -3.22 -17.29
N TRP B 232 -4.68 -2.48 -16.84
CA TRP B 232 -3.34 -3.05 -16.74
C TRP B 232 -3.37 -4.28 -15.81
N ILE B 233 -3.99 -4.12 -14.63
CA ILE B 233 -4.06 -5.23 -13.70
C ILE B 233 -4.75 -6.43 -14.33
N ASN B 234 -5.92 -6.22 -14.90
CA ASN B 234 -6.64 -7.31 -15.54
C ASN B 234 -5.82 -7.95 -16.66
N ASN B 235 -5.15 -7.10 -17.44
CA ASN B 235 -4.30 -7.63 -18.50
C ASN B 235 -3.18 -8.54 -17.99
N VAL B 236 -2.54 -8.15 -16.91
CA VAL B 236 -1.46 -8.98 -16.41
C VAL B 236 -1.96 -10.31 -15.90
N ILE B 237 -3.06 -10.25 -15.18
CA ILE B 237 -3.53 -11.47 -14.53
C ILE B 237 -4.02 -12.46 -15.59
N ALA B 238 -4.62 -11.93 -16.65
CA ALA B 238 -5.13 -12.75 -17.75
C ALA B 238 -4.03 -13.38 -18.59
N SER B 239 -2.87 -12.74 -18.65
CA SER B 239 -1.77 -13.25 -19.47
C SER B 239 -0.76 -14.01 -18.62
N ASN B 240 -0.98 -14.09 -17.32
CA ASN B 240 -0.05 -14.78 -16.42
C ASN B 240 -0.76 -15.89 -15.64
#